data_2C0H
#
_entry.id   2C0H
#
_cell.length_a   62.073
_cell.length_b   65.164
_cell.length_c   93.086
_cell.angle_alpha   90.00
_cell.angle_beta   90.00
_cell.angle_gamma   90.00
#
_symmetry.space_group_name_H-M   'P 21 21 21'
#
loop_
_entity.id
_entity.type
_entity.pdbx_description
1 polymer 'MANNAN ENDO-1,4-BETA-MANNOSIDASE'
2 non-polymer 'SULFATE ION'
3 water water
#
_entity_poly.entity_id   1
_entity_poly.type   'polypeptide(L)'
_entity_poly.pdbx_seq_one_letter_code
;AAVRLSVSGTNLNYNGHHIFLSGANQAWVNYARDFGHNQYSKGKSTFESTLSDMQSHGGNSVRVWLHIEGESTPEFDNNG
YVTGIDNTLISDMRAYLHAAQRHNILIFFTLWNGAVKQSTHYRLNGLMVDTRKLQSYIDHALKPMANALKNEKALGGWDI
MNEPEGEIKPGESSSEPCFDTRHLSGSGAGWAGHLYSAQEIGRFVNWQAAAIKEVDPGAMVTVGSWNMKADTDAMGFHNL
YSDHCLVKAGGKQSGTLSFYQVHTYDWQNHFGNESPFKHSFSNFRLKKPMVIGEFNQEHGAGMSSESMFEWAYTKGYSGA
WTWSRTDVSWNNQLRGMQHLKSRTDHGQVQFGL
;
_entity_poly.pdbx_strand_id   A
#
loop_
_chem_comp.id
_chem_comp.type
_chem_comp.name
_chem_comp.formula
SO4 non-polymer 'SULFATE ION' 'O4 S -2'
#
# COMPACT_ATOMS: atom_id res chain seq x y z
N ALA A 1 17.14 -4.65 18.79
CA ALA A 1 16.41 -3.34 18.88
C ALA A 1 16.91 -2.25 17.92
N ALA A 2 17.83 -2.57 16.99
CA ALA A 2 18.30 -1.62 16.01
C ALA A 2 17.15 -1.18 15.12
N VAL A 3 17.12 0.13 14.80
CA VAL A 3 16.10 0.70 13.91
C VAL A 3 16.50 0.33 12.49
N ARG A 4 15.53 -0.20 11.75
CA ARG A 4 15.76 -0.66 10.38
C ARG A 4 15.17 0.38 9.39
N LEU A 5 13.95 0.19 8.88
CA LEU A 5 13.34 1.16 7.98
C LEU A 5 12.71 2.32 8.77
N SER A 6 13.00 3.57 8.37
CA SER A 6 12.45 4.77 9.03
C SER A 6 12.21 5.92 8.04
N VAL A 7 11.50 6.96 8.50
CA VAL A 7 11.22 8.17 7.71
C VAL A 7 11.92 9.39 8.31
N SER A 8 12.54 10.20 7.46
CA SER A 8 13.06 11.52 7.85
C SER A 8 12.54 12.57 6.86
N GLY A 9 11.56 13.37 7.29
CA GLY A 9 10.96 14.37 6.42
C GLY A 9 10.28 13.69 5.25
N THR A 10 10.77 13.96 4.04
CA THR A 10 10.23 13.35 2.82
C THR A 10 11.12 12.25 2.22
N ASN A 11 12.09 11.78 3.00
CA ASN A 11 12.99 10.67 2.65
C ASN A 11 12.75 9.40 3.48
N LEU A 12 13.00 8.23 2.88
CA LEU A 12 13.07 6.96 3.59
C LEU A 12 14.53 6.57 3.87
N ASN A 13 14.79 6.04 5.07
CA ASN A 13 16.12 5.61 5.45
C ASN A 13 16.12 4.13 5.92
N TYR A 14 17.26 3.45 5.77
CA TYR A 14 17.50 2.12 6.36
C TYR A 14 18.83 2.10 7.12
N ASN A 15 18.79 1.71 8.40
CA ASN A 15 19.97 1.83 9.29
C ASN A 15 20.61 3.23 9.20
N GLY A 16 19.76 4.25 9.04
CA GLY A 16 20.19 5.64 9.01
C GLY A 16 20.75 6.15 7.70
N HIS A 17 20.66 5.36 6.64
CA HIS A 17 21.13 5.77 5.32
C HIS A 17 19.96 5.94 4.36
N HIS A 18 20.02 6.95 3.49
CA HIS A 18 18.96 7.23 2.49
C HIS A 18 18.82 6.04 1.53
N ILE A 19 17.60 5.54 1.39
CA ILE A 19 17.28 4.43 0.47
C ILE A 19 16.10 4.78 -0.45
N PHE A 20 15.93 3.97 -1.49
CA PHE A 20 14.80 4.06 -2.40
C PHE A 20 14.23 2.66 -2.54
N LEU A 21 12.90 2.52 -2.42
CA LEU A 21 12.22 1.23 -2.58
C LEU A 21 11.92 0.94 -4.04
N SER A 22 12.51 -0.11 -4.58
CA SER A 22 12.34 -0.48 -5.98
C SER A 22 11.85 -1.90 -6.07
N GLY A 23 10.76 -2.14 -6.79
CA GLY A 23 10.28 -3.52 -6.89
C GLY A 23 8.97 -3.64 -7.59
N ALA A 24 8.13 -4.55 -7.10
CA ALA A 24 6.92 -4.92 -7.77
C ALA A 24 5.83 -5.35 -6.83
N ASN A 25 4.61 -5.24 -7.32
CA ASN A 25 3.46 -5.89 -6.73
C ASN A 25 3.45 -7.35 -7.13
N GLN A 26 3.19 -8.25 -6.18
CA GLN A 26 3.01 -9.67 -6.54
C GLN A 26 1.76 -9.76 -7.44
N ALA A 27 0.58 -9.24 -7.08
CA ALA A 27 0.16 -8.85 -5.73
C ALA A 27 -0.45 -10.07 -5.02
N TRP A 28 -0.59 -11.20 -5.73
CA TRP A 28 -1.09 -12.46 -5.18
C TRP A 28 -0.57 -13.64 -6.01
N VAL A 29 -0.77 -14.85 -5.49
CA VAL A 29 -0.61 -16.07 -6.29
C VAL A 29 -2.00 -16.69 -6.44
N ASN A 30 -2.60 -17.10 -5.33
CA ASN A 30 -4.02 -17.45 -5.31
C ASN A 30 -4.79 -16.35 -4.57
N TYR A 31 -5.50 -15.53 -5.34
CA TYR A 31 -6.16 -14.28 -4.88
C TYR A 31 -6.96 -14.48 -3.60
N ALA A 32 -6.56 -13.78 -2.54
CA ALA A 32 -7.21 -13.80 -1.21
C ALA A 32 -7.03 -15.09 -0.41
N ARG A 33 -6.24 -16.02 -0.92
CA ARG A 33 -6.07 -17.35 -0.33
C ARG A 33 -4.58 -17.77 -0.37
N ASP A 34 -3.68 -16.87 0.01
CA ASP A 34 -2.24 -17.13 -0.04
C ASP A 34 -1.60 -17.46 1.32
N PHE A 35 -2.23 -17.02 2.42
CA PHE A 35 -1.67 -17.18 3.76
C PHE A 35 -2.77 -17.67 4.72
N GLY A 36 -2.39 -18.50 5.68
CA GLY A 36 -3.35 -19.13 6.59
C GLY A 36 -3.90 -20.40 5.98
N HIS A 37 -4.44 -21.28 6.83
CA HIS A 37 -5.00 -22.56 6.37
C HIS A 37 -4.01 -23.35 5.52
N ASN A 38 -2.73 -23.29 5.89
CA ASN A 38 -1.66 -24.00 5.20
C ASN A 38 -1.59 -23.66 3.70
N GLN A 39 -1.96 -22.42 3.37
CA GLN A 39 -2.05 -21.99 1.97
C GLN A 39 -0.70 -21.53 1.43
N TYR A 40 0.23 -21.09 2.30
CA TYR A 40 1.52 -20.62 1.80
C TYR A 40 2.30 -21.74 1.11
N SER A 41 2.27 -22.94 1.71
CA SER A 41 3.00 -24.09 1.15
C SER A 41 2.57 -24.36 -0.28
N LYS A 42 1.30 -24.09 -0.59
CA LYS A 42 0.75 -24.27 -1.94
C LYS A 42 1.34 -23.29 -2.98
N GLY A 43 1.62 -22.05 -2.57
CA GLY A 43 2.13 -21.03 -3.49
C GLY A 43 3.61 -20.72 -3.34
N LYS A 44 4.25 -21.38 -2.37
CA LYS A 44 5.65 -21.15 -2.01
C LYS A 44 6.59 -21.14 -3.21
N SER A 45 6.44 -22.07 -4.15
CA SER A 45 7.36 -22.08 -5.29
C SER A 45 7.30 -20.79 -6.16
N THR A 46 6.10 -20.23 -6.35
CA THR A 46 5.91 -18.99 -7.11
C THR A 46 6.44 -17.79 -6.32
N PHE A 47 6.09 -17.73 -5.04
CA PHE A 47 6.59 -16.66 -4.21
C PHE A 47 8.14 -16.66 -4.23
N GLU A 48 8.75 -17.84 -4.12
CA GLU A 48 10.22 -17.97 -4.04
C GLU A 48 10.89 -17.65 -5.38
N SER A 49 10.29 -18.08 -6.47
CA SER A 49 10.89 -17.78 -7.77
C SER A 49 10.83 -16.28 -8.06
N THR A 50 9.76 -15.62 -7.60
CA THR A 50 9.62 -14.17 -7.78
C THR A 50 10.72 -13.44 -7.00
N LEU A 51 10.97 -13.87 -5.77
CA LEU A 51 12.05 -13.31 -4.95
C LEU A 51 13.42 -13.49 -5.61
N SER A 52 13.67 -14.67 -6.16
CA SER A 52 14.94 -14.97 -6.81
C SER A 52 15.16 -14.05 -8.01
N ASP A 53 14.14 -13.96 -8.88
CA ASP A 53 14.15 -13.07 -10.06
C ASP A 53 14.47 -11.64 -9.65
N MET A 54 13.78 -11.16 -8.62
CA MET A 54 13.94 -9.78 -8.20
C MET A 54 15.31 -9.49 -7.63
N GLN A 55 15.83 -10.37 -6.77
CA GLN A 55 17.17 -10.18 -6.22
C GLN A 55 18.20 -10.07 -7.32
N SER A 56 18.11 -10.96 -8.30
CA SER A 56 19.10 -10.93 -9.37
C SER A 56 19.00 -9.66 -10.27
N HIS A 57 17.82 -9.01 -10.31
CA HIS A 57 17.63 -7.76 -11.09
C HIS A 57 17.65 -6.48 -10.25
N GLY A 58 18.05 -6.58 -9.01
CA GLY A 58 18.22 -5.40 -8.17
C GLY A 58 17.00 -4.84 -7.47
N GLY A 59 15.89 -5.56 -7.45
CA GLY A 59 14.71 -5.16 -6.69
C GLY A 59 14.93 -5.44 -5.22
N ASN A 60 14.28 -4.65 -4.37
CA ASN A 60 14.46 -4.76 -2.92
C ASN A 60 13.16 -4.82 -2.14
N SER A 61 12.02 -4.86 -2.82
CA SER A 61 10.74 -4.88 -2.12
C SER A 61 9.60 -5.43 -2.95
N VAL A 62 8.64 -6.04 -2.26
CA VAL A 62 7.46 -6.66 -2.88
C VAL A 62 6.23 -6.23 -2.07
N ARG A 63 5.15 -5.84 -2.77
CA ARG A 63 3.83 -5.59 -2.17
C ARG A 63 2.95 -6.83 -2.42
N VAL A 64 2.35 -7.33 -1.36
CA VAL A 64 1.49 -8.52 -1.44
C VAL A 64 0.16 -8.27 -0.72
N TRP A 65 -0.94 -8.75 -1.28
CA TRP A 65 -2.27 -8.54 -0.70
C TRP A 65 -2.65 -9.71 0.21
N LEU A 66 -3.23 -9.39 1.38
CA LEU A 66 -3.50 -10.35 2.44
C LEU A 66 -5.00 -10.71 2.56
N HIS A 67 -5.80 -9.95 3.28
CA HIS A 67 -7.22 -10.34 3.47
C HIS A 67 -8.14 -10.08 2.28
N ILE A 68 -7.94 -8.93 1.62
CA ILE A 68 -8.70 -8.45 0.45
C ILE A 68 -10.13 -8.03 0.82
N GLU A 69 -11.06 -8.98 0.82
CA GLU A 69 -12.43 -8.69 1.29
C GLU A 69 -12.87 -9.72 2.33
N GLY A 70 -11.91 -10.40 2.94
CA GLY A 70 -12.18 -11.38 4.00
C GLY A 70 -12.64 -12.73 3.52
N GLU A 71 -12.25 -13.12 2.31
CA GLU A 71 -12.60 -14.45 1.76
C GLU A 71 -12.14 -15.66 2.60
N SER A 72 -10.89 -15.63 3.07
CA SER A 72 -10.31 -16.75 3.85
C SER A 72 -9.72 -16.34 5.21
N THR A 73 -9.30 -15.09 5.34
CA THR A 73 -8.78 -14.54 6.60
C THR A 73 -9.26 -13.09 6.75
N PRO A 74 -9.45 -12.59 7.98
CA PRO A 74 -9.41 -13.29 9.25
C PRO A 74 -10.68 -14.13 9.44
N GLU A 75 -10.91 -14.63 10.66
CA GLU A 75 -12.11 -15.40 10.95
C GLU A 75 -13.27 -14.50 11.42
N PHE A 76 -14.43 -14.62 10.79
CA PHE A 76 -15.63 -13.82 11.10
C PHE A 76 -16.73 -14.66 11.75
N ASP A 77 -17.47 -14.06 12.68
CA ASP A 77 -18.68 -14.71 13.18
C ASP A 77 -19.88 -14.42 12.27
N ASN A 78 -21.04 -15.00 12.57
CA ASN A 78 -22.21 -14.85 11.71
C ASN A 78 -22.74 -13.41 11.55
N ASN A 79 -22.40 -12.51 12.48
CA ASN A 79 -22.83 -11.11 12.45
C ASN A 79 -21.81 -10.15 11.88
N GLY A 80 -20.68 -10.67 11.44
CA GLY A 80 -19.65 -9.84 10.83
C GLY A 80 -18.58 -9.33 11.79
N TYR A 81 -18.60 -9.78 13.04
CA TYR A 81 -17.48 -9.47 13.94
C TYR A 81 -16.30 -10.43 13.70
N VAL A 82 -15.08 -9.99 13.97
CA VAL A 82 -13.89 -10.82 13.81
C VAL A 82 -13.60 -11.52 15.13
N THR A 83 -13.43 -12.83 15.09
CA THR A 83 -13.17 -13.64 16.29
C THR A 83 -11.72 -14.04 16.54
N GLY A 84 -10.89 -14.03 15.49
CA GLY A 84 -9.51 -14.41 15.62
C GLY A 84 -8.92 -14.67 14.27
N ILE A 85 -7.79 -15.38 14.28
CA ILE A 85 -7.09 -15.79 13.08
C ILE A 85 -6.77 -17.27 13.17
N ASP A 86 -6.65 -17.91 12.01
CA ASP A 86 -6.39 -19.34 11.99
C ASP A 86 -4.95 -19.62 12.39
N ASN A 87 -4.69 -20.84 12.85
CA ASN A 87 -3.44 -21.15 13.54
C ASN A 87 -2.19 -21.29 12.67
N THR A 88 -2.33 -21.16 11.35
CA THR A 88 -1.15 -21.10 10.49
C THR A 88 -0.99 -19.76 9.76
N LEU A 89 -1.83 -18.76 10.06
CA LEU A 89 -1.66 -17.45 9.39
C LEU A 89 -0.30 -16.84 9.71
N ILE A 90 0.02 -16.69 10.98
CA ILE A 90 1.27 -16.07 11.37
C ILE A 90 2.48 -16.90 10.90
N SER A 91 2.44 -18.22 11.07
CA SER A 91 3.56 -19.08 10.68
C SER A 91 3.77 -19.09 9.15
N ASP A 92 2.69 -19.01 8.38
CA ASP A 92 2.77 -18.83 6.91
C ASP A 92 3.42 -17.49 6.56
N MET A 93 2.99 -16.41 7.20
CA MET A 93 3.58 -15.10 6.94
C MET A 93 5.08 -15.10 7.32
N ARG A 94 5.43 -15.73 8.44
CA ARG A 94 6.81 -15.79 8.90
C ARG A 94 7.67 -16.61 7.96
N ALA A 95 7.14 -17.70 7.40
CA ALA A 95 7.93 -18.51 6.46
C ALA A 95 8.28 -17.70 5.23
N TYR A 96 7.31 -16.94 4.73
CA TYR A 96 7.51 -16.05 3.58
C TYR A 96 8.54 -14.98 3.91
N LEU A 97 8.41 -14.37 5.08
CA LEU A 97 9.39 -13.37 5.50
C LEU A 97 10.82 -13.94 5.61
N HIS A 98 10.96 -15.19 6.05
CA HIS A 98 12.29 -15.83 6.13
C HIS A 98 12.85 -16.06 4.73
N ALA A 99 12.01 -16.46 3.78
CA ALA A 99 12.43 -16.58 2.38
C ALA A 99 12.87 -15.24 1.79
N ALA A 100 12.12 -14.19 2.07
CA ALA A 100 12.45 -12.84 1.59
C ALA A 100 13.79 -12.38 2.18
N GLN A 101 14.02 -12.65 3.46
CA GLN A 101 15.24 -12.26 4.14
C GLN A 101 16.47 -12.88 3.46
N ARG A 102 16.33 -14.14 3.05
CA ARG A 102 17.43 -14.88 2.40
C ARG A 102 17.81 -14.21 1.06
N HIS A 103 16.88 -13.44 0.48
CA HIS A 103 17.09 -12.71 -0.78
C HIS A 103 17.22 -11.17 -0.63
N ASN A 104 17.38 -10.69 0.61
CA ASN A 104 17.43 -9.27 0.94
C ASN A 104 16.28 -8.41 0.38
N ILE A 105 15.05 -8.91 0.52
CA ILE A 105 13.87 -8.20 0.03
C ILE A 105 12.91 -7.87 1.19
N LEU A 106 12.40 -6.65 1.20
CA LEU A 106 11.39 -6.20 2.17
C LEU A 106 9.98 -6.44 1.66
N ILE A 107 9.11 -6.92 2.53
CA ILE A 107 7.73 -7.20 2.18
C ILE A 107 6.77 -6.15 2.77
N PHE A 108 5.84 -5.69 1.96
CA PHE A 108 4.74 -4.83 2.40
C PHE A 108 3.42 -5.58 2.21
N PHE A 109 2.71 -5.84 3.31
CA PHE A 109 1.43 -6.53 3.27
C PHE A 109 0.26 -5.53 3.17
N THR A 110 -0.63 -5.73 2.20
CA THR A 110 -1.82 -4.88 2.02
C THR A 110 -3.04 -5.59 2.61
N LEU A 111 -3.69 -4.99 3.59
CA LEU A 111 -4.73 -5.67 4.33
C LEU A 111 -6.03 -5.86 3.53
N TRP A 112 -6.60 -4.78 3.02
CA TRP A 112 -7.93 -4.76 2.36
C TRP A 112 -7.89 -4.21 0.93
N ASN A 113 -8.97 -4.44 0.19
CA ASN A 113 -9.10 -3.91 -1.19
C ASN A 113 -10.44 -3.21 -1.42
N GLY A 114 -10.39 -1.98 -1.94
CA GLY A 114 -11.58 -1.20 -2.27
C GLY A 114 -11.86 -1.04 -3.78
N ALA A 115 -11.11 -1.74 -4.62
CA ALA A 115 -11.19 -1.54 -6.08
C ALA A 115 -12.25 -2.41 -6.77
N VAL A 116 -12.73 -3.43 -6.06
CA VAL A 116 -13.72 -4.34 -6.62
C VAL A 116 -14.63 -4.77 -5.48
N LYS A 117 -15.90 -4.98 -5.81
CA LYS A 117 -16.90 -5.39 -4.86
C LYS A 117 -17.42 -6.76 -5.31
N GLN A 118 -17.06 -7.81 -4.56
CA GLN A 118 -17.46 -9.19 -4.89
C GLN A 118 -18.34 -9.80 -3.77
N SER A 119 -18.49 -11.12 -3.76
CA SER A 119 -19.53 -11.78 -2.96
C SER A 119 -19.34 -11.79 -1.46
N THR A 120 -18.11 -11.56 -0.99
CA THR A 120 -17.91 -11.45 0.46
C THR A 120 -17.74 -10.00 0.90
N HIS A 121 -18.12 -9.05 0.06
CA HIS A 121 -17.94 -7.62 0.40
C HIS A 121 -18.61 -7.23 1.70
N TYR A 122 -19.73 -7.87 2.03
CA TYR A 122 -20.41 -7.59 3.28
C TYR A 122 -19.49 -7.70 4.50
N ARG A 123 -18.48 -8.57 4.45
CA ARG A 123 -17.54 -8.74 5.58
C ARG A 123 -16.75 -7.45 5.77
N LEU A 124 -16.13 -6.95 4.70
CA LEU A 124 -15.41 -5.68 4.77
C LEU A 124 -16.36 -4.50 5.07
N ASN A 125 -17.54 -4.50 4.46
CA ASN A 125 -18.53 -3.45 4.67
C ASN A 125 -18.83 -3.20 6.14
N GLY A 126 -19.02 -4.28 6.88
CA GLY A 126 -19.28 -4.17 8.32
C GLY A 126 -18.18 -3.44 9.05
N LEU A 127 -16.93 -3.73 8.71
CA LEU A 127 -15.78 -3.10 9.37
C LEU A 127 -15.69 -1.60 8.99
N MET A 128 -16.15 -1.26 7.79
CA MET A 128 -16.16 0.13 7.35
C MET A 128 -17.24 1.00 8.01
N VAL A 129 -18.43 0.45 8.22
CA VAL A 129 -19.55 1.28 8.67
C VAL A 129 -19.92 1.12 10.14
N ASP A 130 -19.44 0.05 10.79
CA ASP A 130 -19.74 -0.25 12.22
C ASP A 130 -18.44 -0.24 13.04
N THR A 131 -18.29 0.80 13.86
CA THR A 131 -17.06 0.94 14.62
C THR A 131 -16.80 -0.22 15.61
N ARG A 132 -17.85 -0.87 16.11
CA ARG A 132 -17.65 -2.01 17.01
C ARG A 132 -17.13 -3.26 16.30
N LYS A 133 -17.53 -3.41 15.04
CA LYS A 133 -16.97 -4.47 14.20
C LYS A 133 -15.51 -4.17 13.87
N LEU A 134 -15.21 -2.92 13.48
CA LEU A 134 -13.83 -2.51 13.24
C LEU A 134 -12.93 -2.80 14.47
N GLN A 135 -13.42 -2.47 15.66
CA GLN A 135 -12.64 -2.74 16.86
C GLN A 135 -12.35 -4.24 17.08
N SER A 136 -13.28 -5.12 16.71
CA SER A 136 -13.06 -6.57 16.83
C SER A 136 -11.92 -7.03 15.93
N TYR A 137 -11.84 -6.46 14.73
CA TYR A 137 -10.73 -6.77 13.85
C TYR A 137 -9.39 -6.35 14.44
N ILE A 138 -9.38 -5.15 15.00
CA ILE A 138 -8.18 -4.59 15.60
C ILE A 138 -7.70 -5.45 16.76
N ASP A 139 -8.62 -5.84 17.65
CA ASP A 139 -8.27 -6.55 18.86
C ASP A 139 -7.90 -8.02 18.62
N HIS A 140 -8.62 -8.68 17.72
CA HIS A 140 -8.51 -10.12 17.54
C HIS A 140 -7.64 -10.60 16.37
N ALA A 141 -7.29 -9.69 15.47
CA ALA A 141 -6.51 -10.05 14.28
C ALA A 141 -5.33 -9.11 14.02
N LEU A 142 -5.58 -7.81 13.89
CA LEU A 142 -4.53 -6.89 13.47
C LEU A 142 -3.42 -6.75 14.52
N LYS A 143 -3.78 -6.49 15.76
CA LYS A 143 -2.75 -6.35 16.80
C LYS A 143 -1.91 -7.63 16.99
N PRO A 144 -2.54 -8.82 17.13
CA PRO A 144 -1.79 -10.07 17.21
C PRO A 144 -0.80 -10.28 16.07
N MET A 145 -1.23 -9.96 14.85
CA MET A 145 -0.40 -10.13 13.67
C MET A 145 0.80 -9.17 13.68
N ALA A 146 0.52 -7.90 13.93
CA ALA A 146 1.57 -6.87 13.90
C ALA A 146 2.56 -7.10 15.04
N ASN A 147 2.08 -7.53 16.19
CA ASN A 147 2.97 -7.78 17.32
C ASN A 147 3.89 -9.00 17.09
N ALA A 148 3.34 -10.05 16.50
CA ALA A 148 4.06 -11.29 16.27
C ALA A 148 5.20 -11.14 15.24
N LEU A 149 4.97 -10.30 14.23
CA LEU A 149 5.89 -10.17 13.09
C LEU A 149 6.86 -8.99 13.16
N LYS A 150 6.76 -8.14 14.17
CA LYS A 150 7.53 -6.90 14.21
C LYS A 150 9.06 -7.05 14.28
N ASN A 151 9.57 -8.20 14.71
CA ASN A 151 11.02 -8.38 14.78
C ASN A 151 11.59 -9.10 13.55
N GLU A 152 10.75 -9.36 12.55
CA GLU A 152 11.23 -9.98 11.33
C GLU A 152 11.92 -8.95 10.46
N LYS A 153 13.17 -9.21 10.11
CA LYS A 153 13.96 -8.23 9.38
C LYS A 153 13.43 -7.94 7.97
N ALA A 154 12.73 -8.90 7.37
CA ALA A 154 12.16 -8.67 6.05
C ALA A 154 10.79 -7.98 6.03
N LEU A 155 10.22 -7.65 7.19
CA LEU A 155 8.95 -6.94 7.19
C LEU A 155 9.16 -5.45 6.92
N GLY A 156 8.75 -5.00 5.74
CA GLY A 156 8.81 -3.59 5.38
C GLY A 156 7.73 -2.76 6.04
N GLY A 157 6.48 -3.22 5.99
CA GLY A 157 5.37 -2.47 6.56
C GLY A 157 4.01 -2.92 6.09
N TRP A 158 3.02 -2.06 6.33
CA TRP A 158 1.60 -2.37 6.17
C TRP A 158 0.88 -1.29 5.34
N ASP A 159 0.11 -1.72 4.35
CA ASP A 159 -0.76 -0.84 3.56
C ASP A 159 -2.19 -1.20 4.00
N ILE A 160 -2.90 -0.24 4.57
CA ILE A 160 -4.24 -0.52 5.10
C ILE A 160 -5.25 -0.91 4.02
N MET A 161 -5.22 -0.27 2.87
CA MET A 161 -6.22 -0.57 1.86
C MET A 161 -5.75 -0.18 0.49
N ASN A 162 -6.01 -1.03 -0.49
CA ASN A 162 -5.84 -0.67 -1.88
C ASN A 162 -7.05 0.12 -2.40
N GLU A 163 -6.79 1.32 -2.91
CA GLU A 163 -7.77 2.17 -3.60
C GLU A 163 -9.12 2.32 -2.92
N PRO A 164 -9.14 2.94 -1.73
CA PRO A 164 -10.45 3.20 -1.10
C PRO A 164 -11.42 4.03 -1.95
N GLU A 165 -10.90 4.85 -2.87
CA GLU A 165 -11.71 5.71 -3.70
C GLU A 165 -12.59 4.94 -4.69
N GLY A 166 -12.32 3.64 -4.83
CA GLY A 166 -13.21 2.77 -5.59
C GLY A 166 -14.65 2.78 -5.10
N GLU A 167 -14.80 3.07 -3.81
CA GLU A 167 -16.09 2.97 -3.15
C GLU A 167 -16.52 4.28 -2.44
N ILE A 168 -15.85 5.38 -2.76
CA ILE A 168 -16.19 6.68 -2.18
C ILE A 168 -17.42 7.31 -2.88
N LYS A 169 -18.13 8.19 -2.16
CA LYS A 169 -19.21 8.98 -2.74
C LYS A 169 -18.68 10.32 -3.29
N PRO A 170 -18.58 10.46 -4.62
CA PRO A 170 -18.13 11.73 -5.20
C PRO A 170 -19.20 12.83 -5.26
N GLY A 171 -18.79 14.08 -5.43
CA GLY A 171 -19.71 15.19 -5.64
C GLY A 171 -20.36 15.75 -4.39
N GLU A 172 -19.85 15.38 -3.23
CA GLU A 172 -20.45 15.78 -1.97
C GLU A 172 -19.83 17.07 -1.43
N SER A 173 -20.67 18.03 -1.07
CA SER A 173 -20.22 19.24 -0.40
C SER A 173 -19.96 18.97 1.09
N SER A 174 -19.03 19.73 1.68
CA SER A 174 -18.78 19.66 3.12
C SER A 174 -18.29 21.00 3.64
N SER A 175 -18.63 21.28 4.90
CA SER A 175 -18.08 22.44 5.63
C SER A 175 -16.62 22.23 6.01
N GLU A 176 -16.19 20.96 6.12
CA GLU A 176 -14.79 20.61 6.28
C GLU A 176 -14.23 20.38 4.89
N PRO A 177 -13.30 21.23 4.44
CA PRO A 177 -12.75 21.12 3.09
C PRO A 177 -12.19 19.74 2.70
N CYS A 178 -11.51 19.06 3.62
CA CYS A 178 -10.89 17.78 3.27
C CYS A 178 -11.89 16.64 3.08
N PHE A 179 -13.13 16.81 3.56
CA PHE A 179 -14.21 15.83 3.30
C PHE A 179 -15.05 16.15 2.07
N ASP A 180 -14.79 17.29 1.43
CA ASP A 180 -15.54 17.74 0.26
C ASP A 180 -15.04 16.92 -0.94
N THR A 181 -15.95 16.30 -1.69
CA THR A 181 -15.55 15.47 -2.83
C THR A 181 -16.06 16.00 -4.18
N ARG A 182 -16.39 17.28 -4.24
CA ARG A 182 -16.88 17.89 -5.50
C ARG A 182 -15.82 17.82 -6.58
N HIS A 183 -14.57 17.91 -6.17
CA HIS A 183 -13.44 17.82 -7.11
C HIS A 183 -13.27 16.43 -7.72
N LEU A 184 -13.90 15.41 -7.13
CA LEU A 184 -13.83 14.05 -7.68
C LEU A 184 -14.96 13.75 -8.67
N SER A 185 -15.91 14.67 -8.78
CA SER A 185 -16.95 14.56 -9.82
C SER A 185 -16.31 14.53 -11.21
N GLY A 186 -16.70 13.56 -12.04
CA GLY A 186 -16.12 13.39 -13.38
C GLY A 186 -14.78 12.67 -13.42
N SER A 187 -14.26 12.27 -12.26
CA SER A 187 -12.93 11.63 -12.15
C SER A 187 -12.94 10.12 -12.32
N GLY A 188 -14.11 9.50 -12.21
CA GLY A 188 -14.22 8.05 -12.19
C GLY A 188 -14.28 7.44 -10.80
N ALA A 189 -13.94 8.21 -9.77
CA ALA A 189 -14.05 7.71 -8.40
C ALA A 189 -15.43 7.15 -8.12
N GLY A 190 -15.50 6.14 -7.25
CA GLY A 190 -16.76 5.47 -6.92
C GLY A 190 -17.19 4.42 -7.95
N TRP A 191 -16.25 3.95 -8.75
CA TRP A 191 -16.55 2.95 -9.80
C TRP A 191 -17.12 1.62 -9.32
N ALA A 192 -16.77 1.20 -8.11
CA ALA A 192 -17.27 -0.07 -7.56
C ALA A 192 -18.57 0.14 -6.77
N GLY A 193 -18.95 1.39 -6.56
CA GLY A 193 -20.19 1.76 -5.85
C GLY A 193 -20.01 3.06 -5.08
N HIS A 194 -21.08 3.85 -4.96
CA HIS A 194 -21.03 5.09 -4.17
C HIS A 194 -21.43 4.72 -2.74
N LEU A 195 -20.50 4.09 -2.02
CA LEU A 195 -20.82 3.40 -0.75
C LEU A 195 -20.48 4.19 0.51
N TYR A 196 -19.30 4.80 0.53
CA TYR A 196 -18.74 5.36 1.77
C TYR A 196 -18.41 6.83 1.63
N SER A 197 -18.67 7.60 2.69
CA SER A 197 -18.27 8.99 2.69
C SER A 197 -16.76 9.12 2.90
N ALA A 198 -16.21 10.27 2.54
CA ALA A 198 -14.80 10.56 2.83
C ALA A 198 -14.48 10.40 4.30
N GLN A 199 -15.39 10.85 5.18
CA GLN A 199 -15.16 10.68 6.61
C GLN A 199 -15.11 9.19 7.06
N GLU A 200 -15.94 8.33 6.48
CA GLU A 200 -15.92 6.90 6.82
C GLU A 200 -14.59 6.23 6.44
N ILE A 201 -14.10 6.55 5.25
CA ILE A 201 -12.82 6.02 4.81
C ILE A 201 -11.70 6.53 5.71
N GLY A 202 -11.73 7.83 6.03
CA GLY A 202 -10.74 8.40 6.93
C GLY A 202 -10.69 7.73 8.30
N ARG A 203 -11.86 7.48 8.86
CA ARG A 203 -11.93 6.77 10.14
C ARG A 203 -11.33 5.34 10.07
N PHE A 204 -11.66 4.62 9.01
CA PHE A 204 -11.16 3.26 8.81
C PHE A 204 -9.61 3.22 8.82
N VAL A 205 -9.01 4.17 8.12
CA VAL A 205 -7.57 4.25 8.02
C VAL A 205 -6.96 4.71 9.35
N ASN A 206 -7.52 5.79 9.91
CA ASN A 206 -7.03 6.33 11.19
C ASN A 206 -6.98 5.27 12.30
N TRP A 207 -8.04 4.48 12.44
CA TRP A 207 -8.08 3.50 13.54
C TRP A 207 -7.09 2.33 13.35
N GLN A 208 -6.90 1.86 12.11
CA GLN A 208 -5.99 0.78 11.88
C GLN A 208 -4.52 1.22 11.95
N ALA A 209 -4.24 2.44 11.49
CA ALA A 209 -2.91 3.01 11.62
C ALA A 209 -2.53 3.15 13.09
N ALA A 210 -3.47 3.62 13.91
CA ALA A 210 -3.19 3.76 15.34
C ALA A 210 -2.94 2.41 16.02
N ALA A 211 -3.71 1.39 15.63
CA ALA A 211 -3.59 0.06 16.19
C ALA A 211 -2.21 -0.58 15.92
N ILE A 212 -1.74 -0.48 14.69
CA ILE A 212 -0.46 -1.04 14.32
C ILE A 212 0.64 -0.36 15.11
N LYS A 213 0.55 0.96 15.23
CA LYS A 213 1.60 1.73 15.89
C LYS A 213 1.53 1.59 17.41
N GLU A 214 0.43 1.09 17.94
CA GLU A 214 0.34 0.80 19.38
C GLU A 214 1.21 -0.40 19.78
N VAL A 215 1.24 -1.43 18.93
CA VAL A 215 2.00 -2.66 19.22
C VAL A 215 3.37 -2.70 18.52
N ASP A 216 3.52 -1.93 17.45
CA ASP A 216 4.79 -1.78 16.72
C ASP A 216 5.02 -0.31 16.36
N PRO A 217 5.42 0.49 17.36
CA PRO A 217 5.54 1.92 17.18
C PRO A 217 6.43 2.38 16.04
N GLY A 218 7.40 1.56 15.63
CA GLY A 218 8.31 1.90 14.54
C GLY A 218 7.85 1.43 13.18
N ALA A 219 6.64 0.86 13.12
CA ALA A 219 6.12 0.33 11.86
C ALA A 219 5.86 1.40 10.81
N MET A 220 6.10 1.04 9.54
CA MET A 220 5.72 1.85 8.41
C MET A 220 4.30 1.48 8.00
N VAL A 221 3.44 2.49 7.89
CA VAL A 221 2.04 2.33 7.48
C VAL A 221 1.69 3.31 6.34
N THR A 222 0.95 2.81 5.35
CA THR A 222 0.52 3.62 4.22
C THR A 222 -0.90 3.21 3.75
N VAL A 223 -1.38 3.86 2.68
CA VAL A 223 -2.62 3.53 1.95
C VAL A 223 -2.34 3.71 0.47
N GLY A 224 -2.75 2.75 -0.36
CA GLY A 224 -2.57 2.87 -1.80
C GLY A 224 -3.68 3.63 -2.52
N SER A 225 -3.52 4.94 -2.68
CA SER A 225 -4.52 5.82 -3.28
C SER A 225 -4.59 5.64 -4.80
N TRP A 226 -5.80 5.65 -5.34
CA TRP A 226 -6.00 5.37 -6.77
C TRP A 226 -5.52 6.47 -7.71
N ASN A 227 -5.50 7.71 -7.24
CA ASN A 227 -5.18 8.87 -8.09
C ASN A 227 -4.78 10.06 -7.23
N MET A 228 -3.85 10.86 -7.73
CA MET A 228 -3.39 12.04 -7.02
C MET A 228 -4.49 13.04 -6.62
N LYS A 229 -5.62 13.07 -7.33
CA LYS A 229 -6.75 13.94 -6.97
C LYS A 229 -7.27 13.76 -5.54
N ALA A 230 -6.96 12.62 -4.92
CA ALA A 230 -7.36 12.35 -3.54
C ALA A 230 -6.19 12.43 -2.55
N ASP A 231 -5.00 12.83 -3.03
CA ASP A 231 -3.75 12.71 -2.25
C ASP A 231 -2.89 13.99 -2.23
N THR A 232 -3.48 15.14 -2.58
CA THR A 232 -2.77 16.43 -2.50
C THR A 232 -3.74 17.59 -2.25
N ASP A 233 -3.29 18.58 -1.49
CA ASP A 233 -4.04 19.81 -1.30
C ASP A 233 -3.66 20.89 -2.33
N ALA A 234 -2.70 20.59 -3.21
CA ALA A 234 -2.35 21.48 -4.31
C ALA A 234 -3.27 21.29 -5.52
N MET A 235 -3.15 22.19 -6.50
CA MET A 235 -3.83 22.06 -7.81
C MET A 235 -5.38 22.01 -7.74
N GLY A 236 -5.97 22.53 -6.66
CA GLY A 236 -7.41 22.52 -6.51
C GLY A 236 -8.02 21.22 -6.01
N PHE A 237 -7.19 20.32 -5.51
CA PHE A 237 -7.66 19.03 -4.99
C PHE A 237 -7.58 19.02 -3.47
N HIS A 238 -7.94 17.88 -2.87
CA HIS A 238 -7.83 17.72 -1.42
C HIS A 238 -7.16 16.40 -1.07
N ASN A 239 -6.33 16.40 -0.02
CA ASN A 239 -5.67 15.19 0.46
C ASN A 239 -6.50 14.52 1.55
N LEU A 240 -7.13 13.40 1.21
CA LEU A 240 -7.89 12.59 2.18
C LEU A 240 -7.05 11.95 3.29
N TYR A 241 -5.73 11.84 3.09
CA TYR A 241 -4.86 11.05 3.98
C TYR A 241 -3.87 11.86 4.80
N SER A 242 -4.05 13.18 4.84
CA SER A 242 -3.18 14.04 5.64
C SER A 242 -3.46 13.77 7.12
N ASP A 243 -2.51 14.11 7.97
CA ASP A 243 -2.70 13.94 9.42
C ASP A 243 -3.97 14.65 9.87
N HIS A 244 -4.15 15.90 9.42
CA HIS A 244 -5.33 16.70 9.78
C HIS A 244 -6.66 16.02 9.43
N CYS A 245 -6.75 15.52 8.20
CA CYS A 245 -7.96 14.84 7.75
C CYS A 245 -8.23 13.54 8.51
N LEU A 246 -7.22 12.70 8.68
CA LEU A 246 -7.41 11.40 9.34
C LEU A 246 -7.79 11.56 10.81
N VAL A 247 -7.17 12.52 11.48
CA VAL A 247 -7.47 12.73 12.90
C VAL A 247 -8.86 13.37 13.04
N LYS A 248 -9.24 14.27 12.13
CA LYS A 248 -10.60 14.82 12.13
C LYS A 248 -11.63 13.70 11.89
N ALA A 249 -11.30 12.76 11.01
CA ALA A 249 -12.21 11.68 10.66
C ALA A 249 -12.43 10.64 11.76
N GLY A 250 -11.35 10.19 12.40
CA GLY A 250 -11.40 9.07 13.36
C GLY A 250 -11.06 9.40 14.82
N GLY A 251 -10.40 10.53 15.04
CA GLY A 251 -10.11 10.96 16.42
C GLY A 251 -8.86 10.43 17.08
N LYS A 252 -8.13 9.51 16.44
CA LYS A 252 -6.92 8.93 17.05
C LYS A 252 -5.67 9.73 16.65
N GLN A 253 -5.03 10.38 17.61
CA GLN A 253 -3.91 11.27 17.29
C GLN A 253 -2.70 10.55 16.69
N SER A 254 -2.51 9.28 17.06
CA SER A 254 -1.39 8.49 16.56
C SER A 254 -1.68 7.82 15.21
N GLY A 255 -2.91 7.98 14.73
CA GLY A 255 -3.38 7.25 13.55
C GLY A 255 -3.06 7.96 12.27
N THR A 256 -1.78 8.17 12.02
CA THR A 256 -1.30 8.89 10.85
C THR A 256 -0.40 7.96 10.02
N LEU A 257 -0.28 8.26 8.73
CA LEU A 257 0.53 7.44 7.85
C LEU A 257 2.00 7.80 7.96
N SER A 258 2.86 6.85 7.61
CA SER A 258 4.32 7.06 7.55
C SER A 258 4.71 7.67 6.22
N PHE A 259 4.13 7.14 5.15
CA PHE A 259 4.37 7.66 3.81
C PHE A 259 3.11 7.48 2.96
N TYR A 260 3.08 8.22 1.85
CA TYR A 260 1.95 8.20 0.92
C TYR A 260 2.31 7.25 -0.21
N GLN A 261 1.28 6.72 -0.84
CA GLN A 261 1.42 5.81 -1.97
C GLN A 261 0.35 6.17 -2.97
N VAL A 262 0.72 6.38 -4.23
CA VAL A 262 -0.24 6.78 -5.25
C VAL A 262 -0.04 5.90 -6.47
N HIS A 263 -1.15 5.61 -7.13
CA HIS A 263 -1.13 4.82 -8.35
C HIS A 263 -1.33 5.73 -9.57
N THR A 264 -0.77 5.35 -10.71
CA THR A 264 -0.96 6.20 -11.89
C THR A 264 -0.89 5.41 -13.19
N TYR A 265 -1.93 5.60 -14.00
CA TYR A 265 -2.06 4.96 -15.30
C TYR A 265 -2.53 6.00 -16.31
N ASP A 266 -2.06 5.88 -17.55
CA ASP A 266 -2.46 6.81 -18.60
C ASP A 266 -3.90 6.55 -19.06
N TRP A 267 -4.42 7.43 -19.91
CA TRP A 267 -5.72 7.25 -20.52
C TRP A 267 -5.62 7.70 -21.96
N GLN A 268 -5.99 6.83 -22.88
CA GLN A 268 -5.82 7.08 -24.32
C GLN A 268 -4.41 7.61 -24.63
N ASN A 269 -3.41 6.93 -24.06
CA ASN A 269 -1.97 7.20 -24.26
C ASN A 269 -1.47 8.55 -23.75
N HIS A 270 -2.18 9.18 -22.82
CA HIS A 270 -1.68 10.41 -22.19
C HIS A 270 -1.92 10.35 -20.69
N PHE A 271 -0.96 10.85 -19.93
CA PHE A 271 -1.16 11.07 -18.49
C PHE A 271 -1.95 12.37 -18.27
N GLY A 272 -2.87 12.35 -17.30
CA GLY A 272 -3.55 13.57 -16.88
C GLY A 272 -2.58 14.47 -16.13
N ASN A 273 -2.94 15.75 -16.01
CA ASN A 273 -2.07 16.74 -15.37
C ASN A 273 -1.80 16.44 -13.90
N GLU A 274 -2.65 15.63 -13.27
CA GLU A 274 -2.42 15.25 -11.87
C GLU A 274 -1.34 14.18 -11.66
N SER A 275 -0.92 13.49 -12.73
CA SER A 275 0.01 12.35 -12.56
C SER A 275 1.39 12.72 -12.00
N PRO A 276 1.92 11.91 -11.07
CA PRO A 276 3.30 12.09 -10.61
C PRO A 276 4.34 11.93 -11.70
N PHE A 277 4.01 11.35 -12.85
CA PHE A 277 4.96 11.33 -13.96
C PHE A 277 4.99 12.62 -14.81
N LYS A 278 4.17 13.62 -14.46
CA LYS A 278 4.15 14.92 -15.15
C LYS A 278 4.75 16.05 -14.30
N HIS A 279 5.15 15.72 -13.08
CA HIS A 279 5.64 16.71 -12.11
C HIS A 279 6.69 16.12 -11.20
N SER A 280 7.49 16.98 -10.59
CA SER A 280 8.36 16.59 -9.50
C SER A 280 7.55 16.47 -8.22
N PHE A 281 8.06 15.65 -7.30
CA PHE A 281 7.43 15.44 -6.00
C PHE A 281 7.06 16.77 -5.34
N SER A 282 7.94 17.77 -5.43
CA SER A 282 7.73 19.06 -4.74
C SER A 282 6.49 19.84 -5.21
N ASN A 283 6.00 19.55 -6.40
CA ASN A 283 4.77 20.18 -6.91
C ASN A 283 3.55 19.93 -6.03
N PHE A 284 3.53 18.80 -5.32
CA PHE A 284 2.35 18.32 -4.60
C PHE A 284 2.27 18.79 -3.16
N ARG A 285 3.31 19.46 -2.69
CA ARG A 285 3.32 20.13 -1.38
C ARG A 285 3.04 19.15 -0.23
N LEU A 286 3.67 17.99 -0.30
CA LEU A 286 3.56 16.96 0.73
C LEU A 286 4.70 17.00 1.75
N LYS A 287 4.40 16.54 2.96
CA LYS A 287 5.36 16.55 4.06
C LYS A 287 5.78 15.14 4.53
N LYS A 288 5.47 14.12 3.72
CA LYS A 288 5.92 12.76 3.95
C LYS A 288 6.43 12.26 2.62
N PRO A 289 7.22 11.16 2.63
CA PRO A 289 7.65 10.56 1.37
C PRO A 289 6.47 10.04 0.58
N MET A 290 6.66 9.90 -0.72
CA MET A 290 5.67 9.31 -1.59
C MET A 290 6.30 8.23 -2.45
N VAL A 291 5.65 7.08 -2.47
CA VAL A 291 5.99 5.95 -3.33
C VAL A 291 4.98 5.92 -4.48
N ILE A 292 5.46 5.71 -5.69
CA ILE A 292 4.55 5.46 -6.80
C ILE A 292 4.30 3.93 -6.81
N GLY A 293 3.14 3.53 -6.26
CA GLY A 293 2.91 2.15 -5.83
C GLY A 293 2.33 1.22 -6.85
N GLU A 294 1.88 1.77 -7.98
CA GLU A 294 1.44 0.95 -9.14
C GLU A 294 1.63 1.78 -10.40
N PHE A 295 2.24 1.16 -11.42
CA PHE A 295 2.36 1.74 -12.76
C PHE A 295 2.89 0.64 -13.65
N ASN A 296 2.81 0.84 -14.96
CA ASN A 296 3.55 -0.03 -15.89
C ASN A 296 3.69 0.65 -17.26
N GLN A 297 4.62 0.11 -18.03
CA GLN A 297 4.94 0.64 -19.35
C GLN A 297 3.75 0.53 -20.31
N GLU A 298 2.95 -0.50 -20.13
CA GLU A 298 1.78 -0.70 -20.98
C GLU A 298 0.77 0.45 -20.87
N HIS A 299 0.76 1.12 -19.72
CA HIS A 299 -0.07 2.29 -19.46
C HIS A 299 0.78 3.50 -19.08
N GLY A 300 1.91 3.65 -19.76
CA GLY A 300 2.90 4.68 -19.45
C GLY A 300 3.07 5.81 -20.45
N ALA A 301 2.09 6.01 -21.33
CA ALA A 301 2.09 7.15 -22.25
C ALA A 301 3.36 7.23 -23.09
N GLY A 302 3.87 6.08 -23.51
CA GLY A 302 5.07 6.02 -24.33
C GLY A 302 6.41 5.99 -23.60
N MET A 303 6.38 6.13 -22.27
CA MET A 303 7.61 6.04 -21.47
C MET A 303 8.08 4.56 -21.38
N SER A 304 9.39 4.31 -21.48
CA SER A 304 9.94 2.98 -21.19
C SER A 304 9.91 2.70 -19.68
N SER A 305 9.94 1.42 -19.30
CA SER A 305 10.06 1.02 -17.87
C SER A 305 11.26 1.70 -17.21
N GLU A 306 12.39 1.73 -17.91
CA GLU A 306 13.58 2.41 -17.42
C GLU A 306 13.33 3.89 -17.11
N SER A 307 12.65 4.60 -18.04
CA SER A 307 12.34 6.03 -17.87
C SER A 307 11.40 6.28 -16.70
N MET A 308 10.47 5.37 -16.48
CA MET A 308 9.52 5.51 -15.38
C MET A 308 10.24 5.32 -14.03
N PHE A 309 11.07 4.29 -13.91
CA PHE A 309 11.90 4.10 -12.69
C PHE A 309 12.84 5.31 -12.50
N GLU A 310 13.43 5.78 -13.59
CA GLU A 310 14.32 6.95 -13.52
C GLU A 310 13.62 8.20 -13.02
N TRP A 311 12.42 8.47 -13.53
CA TRP A 311 11.64 9.64 -13.11
C TRP A 311 11.37 9.56 -11.61
N ALA A 312 10.89 8.41 -11.14
CA ALA A 312 10.60 8.24 -9.71
C ALA A 312 11.85 8.46 -8.88
N TYR A 313 12.97 7.89 -9.33
CA TYR A 313 14.22 7.92 -8.54
C TYR A 313 14.82 9.32 -8.47
N THR A 314 14.76 10.07 -9.56
CA THR A 314 15.43 11.37 -9.65
C THR A 314 14.58 12.59 -9.36
N LYS A 315 13.26 12.46 -9.36
CA LYS A 315 12.39 13.62 -9.18
C LYS A 315 11.75 13.75 -7.80
N GLY A 316 12.32 13.06 -6.81
CA GLY A 316 11.99 13.33 -5.39
C GLY A 316 11.08 12.30 -4.76
N TYR A 317 10.70 11.28 -5.51
CA TYR A 317 9.90 10.19 -4.95
C TYR A 317 10.76 9.17 -4.18
N SER A 318 10.14 8.34 -3.34
CA SER A 318 10.90 7.43 -2.46
C SER A 318 10.75 5.94 -2.79
N GLY A 319 9.99 5.65 -3.83
CA GLY A 319 9.86 4.28 -4.26
C GLY A 319 9.05 4.17 -5.53
N ALA A 320 9.16 3.00 -6.15
CA ALA A 320 8.42 2.69 -7.36
C ALA A 320 8.18 1.18 -7.43
N TRP A 321 6.91 0.78 -7.44
CA TRP A 321 6.50 -0.61 -7.55
C TRP A 321 5.64 -0.81 -8.80
N THR A 322 6.09 -1.66 -9.72
CA THR A 322 5.31 -1.92 -10.90
C THR A 322 4.12 -2.83 -10.62
N TRP A 323 3.13 -2.76 -11.50
CA TRP A 323 1.99 -3.64 -11.45
C TRP A 323 2.02 -4.55 -12.67
N SER A 324 2.12 -5.88 -12.54
CA SER A 324 2.48 -6.70 -11.36
C SER A 324 3.09 -8.03 -11.84
N ARG A 325 3.50 -8.89 -10.92
CA ARG A 325 4.03 -10.22 -11.32
C ARG A 325 3.01 -11.00 -12.14
N THR A 326 1.73 -10.90 -11.80
CA THR A 326 0.67 -11.64 -12.50
C THR A 326 0.23 -11.02 -13.83
N ASP A 327 0.42 -9.71 -14.01
CA ASP A 327 -0.17 -8.94 -15.11
C ASP A 327 0.90 -8.43 -16.09
N VAL A 328 0.49 -8.12 -17.31
CA VAL A 328 1.38 -7.57 -18.36
C VAL A 328 2.74 -8.31 -18.49
N SER A 329 3.80 -7.62 -18.91
CA SER A 329 5.10 -8.23 -19.09
C SER A 329 5.97 -8.15 -17.84
N TRP A 330 6.34 -9.31 -17.32
CA TRP A 330 7.28 -9.40 -16.18
C TRP A 330 8.69 -8.98 -16.60
N ASN A 331 9.13 -9.38 -17.79
CA ASN A 331 10.44 -8.92 -18.24
C ASN A 331 10.60 -7.39 -18.32
N ASN A 332 9.55 -6.67 -18.74
CA ASN A 332 9.58 -5.20 -18.80
C ASN A 332 9.81 -4.63 -17.39
N GLN A 333 9.16 -5.25 -16.42
CA GLN A 333 9.27 -4.79 -15.04
C GLN A 333 10.66 -5.02 -14.48
N LEU A 334 11.22 -6.21 -14.71
CA LEU A 334 12.57 -6.56 -14.27
C LEU A 334 13.62 -5.67 -14.96
N ARG A 335 13.43 -5.34 -16.24
CA ARG A 335 14.36 -4.45 -16.93
C ARG A 335 14.34 -3.05 -16.31
N GLY A 336 13.16 -2.59 -15.87
CA GLY A 336 13.05 -1.32 -15.19
C GLY A 336 13.80 -1.32 -13.88
N MET A 337 13.58 -2.34 -13.04
CA MET A 337 14.27 -2.49 -11.75
C MET A 337 15.79 -2.50 -11.93
N GLN A 338 16.23 -3.25 -12.92
CA GLN A 338 17.65 -3.42 -13.19
C GLN A 338 18.36 -2.10 -13.47
N HIS A 339 17.63 -1.14 -14.03
CA HIS A 339 18.17 0.19 -14.36
C HIS A 339 18.67 0.90 -13.10
N LEU A 340 18.04 0.65 -11.96
CA LEU A 340 18.46 1.30 -10.73
C LEU A 340 19.44 0.49 -9.87
N LYS A 341 19.76 -0.74 -10.28
CA LYS A 341 20.46 -1.70 -9.41
C LYS A 341 21.68 -1.11 -8.70
N SER A 342 22.57 -0.45 -9.45
CA SER A 342 23.83 0.05 -8.86
C SER A 342 23.78 1.50 -8.39
N ARG A 343 22.60 2.11 -8.34
CA ARG A 343 22.50 3.57 -8.18
C ARG A 343 22.56 3.99 -6.72
N THR A 344 23.25 5.10 -6.48
CA THR A 344 23.32 5.72 -5.15
C THR A 344 23.09 7.24 -5.14
N ASP A 345 22.91 7.88 -6.30
CA ASP A 345 22.74 9.35 -6.38
C ASP A 345 21.50 9.92 -5.68
N HIS A 346 20.46 9.12 -5.49
CA HIS A 346 19.26 9.54 -4.76
C HIS A 346 18.83 8.45 -3.77
N GLY A 347 19.82 7.89 -3.09
CA GLY A 347 19.58 6.83 -2.10
C GLY A 347 20.00 5.46 -2.59
N GLN A 348 20.39 4.62 -1.66
CA GLN A 348 20.83 3.26 -1.97
C GLN A 348 19.65 2.40 -2.37
N VAL A 349 19.82 1.61 -3.42
CA VAL A 349 18.81 0.66 -3.83
C VAL A 349 19.19 -0.76 -3.37
N GLN A 350 20.47 -1.10 -3.45
CA GLN A 350 20.98 -2.36 -2.95
C GLN A 350 21.57 -2.13 -1.57
N PHE A 351 20.84 -2.58 -0.56
CA PHE A 351 21.32 -2.52 0.81
C PHE A 351 21.00 -3.83 1.53
N GLY A 352 21.84 -4.19 2.49
CA GLY A 352 21.66 -5.41 3.26
C GLY A 352 20.68 -5.19 4.39
N LEU A 353 19.92 -6.22 4.73
CA LEU A 353 18.93 -6.10 5.81
C LEU A 353 19.60 -6.33 7.16
S SO4 B . -0.76 17.54 7.69
O1 SO4 B . -0.44 16.16 7.34
O2 SO4 B . -2.06 17.58 8.33
O3 SO4 B . -0.81 18.41 6.52
O4 SO4 B . 0.25 18.05 8.63
#